data_6T3K
#
_entry.id   6T3K
#
_cell.length_a   88.659
_cell.length_b   95.453
_cell.length_c   224.978
_cell.angle_alpha   90.000
_cell.angle_beta   90.000
_cell.angle_gamma   90.000
#
_symmetry.space_group_name_H-M   'P 21 21 21'
#
loop_
_entity.id
_entity.type
_entity.pdbx_description
1 polymer 'Group IIC Intron Ribozyme'
2 polymer 'Group IIC Intron Ribozyme'
3 non-polymer 'MAGNESIUM ION'
4 non-polymer 'POTASSIUM ION'
5 non-polymer '4-(2-HYDROXYETHYL)-1-PIPERAZINE ETHANESULFONIC ACID'
6 non-polymer SPERMINE
7 water water
#
loop_
_entity_poly.entity_id
_entity_poly.type
_entity_poly.pdbx_seq_one_letter_code
_entity_poly.pdbx_strand_id
1 'polyribonucleotide'
;GUGUGCCCGGCAUGGGUGCAGUCUAUAGGGUGAGAGUCCCGAACUGUGAAGGCAGAAGUAACAGUUAGCCUAACGCAAGG
GUGUCCGUGGCGACAUGGAAUCUGAAGGAAGCGGACGGCAAACCUUCGGUCUGAGGAACACGAACUUCAUAUGAGGCUAG
GUAUCAAUGGAUGAGUUUGCAUAACAAAACAAAGUCCUUUCUGCCAAAGUUGGUACAGAGUAAAUGAAGCAGAUUGAUGA
AGGGAAAGACUGCAUUCUUACCCGGGGAGGUCUGGAAACAGAAGUCAGGAGAAGUCAUAGUACCCUGUUCGCAGGGGAAG
GACGGAACAAGUAUGGCGUUCGCGCCUAAGCUUGAACGGCCGUAUACCGAACGGUACGUACGGUCGUGUG
;
A
2 'polyribonucleotide' GGGGUUAU B
#
loop_
_chem_comp.id
_chem_comp.type
_chem_comp.name
_chem_comp.formula
A RNA linking ADENOSINE-5'-MONOPHOSPHATE 'C10 H14 N5 O7 P'
C RNA linking CYTIDINE-5'-MONOPHOSPHATE 'C9 H14 N3 O8 P'
EPE non-polymer '4-(2-HYDROXYETHYL)-1-PIPERAZINE ETHANESULFONIC ACID' 'C8 H18 N2 O4 S'
G RNA linking GUANOSINE-5'-MONOPHOSPHATE 'C10 H14 N5 O8 P'
K non-polymer 'POTASSIUM ION' 'K 1'
MG non-polymer 'MAGNESIUM ION' 'Mg 2'
SPM non-polymer SPERMINE 'C10 H26 N4'
U RNA linking URIDINE-5'-MONOPHOSPHATE 'C9 H13 N2 O9 P'
#
# COMPACT_ATOMS: atom_id res chain seq x y z
MG MG C . -2.29 -2.15 -30.36
MG MG D . -14.61 -9.45 -28.76
MG MG E . -8.54 9.61 -22.83
MG MG F . -1.15 7.48 -20.85
MG MG G . 9.54 6.59 19.75
MG MG H . -21.74 0.00 -46.90
MG MG I . 20.40 -3.23 20.05
MG MG J . -9.69 -7.23 -10.21
MG MG K . -1.00 7.91 -16.63
MG MG L . 7.47 8.03 2.37
MG MG M . 14.10 -1.50 -7.15
MG MG N . -6.59 -14.51 -8.82
MG MG O . 7.56 11.92 -30.13
MG MG P . -1.52 -0.38 20.54
MG MG Q . -25.23 -20.82 -22.51
MG MG R . 18.13 -2.76 -30.58
MG MG S . -19.61 -0.10 -20.23
MG MG T . 31.18 2.94 -0.25
MG MG U . 9.87 4.67 -11.31
MG MG V . -0.23 0.82 14.78
MG MG W . 27.03 9.14 -29.62
MG MG X . -19.68 -13.36 -26.68
MG MG Y . -12.39 0.53 -42.02
MG MG Z . -13.10 9.35 -31.58
K K AA . -30.64 -11.72 -21.07
MG MG BA . -32.06 -18.47 -27.38
MG MG CA . -1.16 26.27 -36.42
MG MG DA . 5.44 12.29 5.92
MG MG EA . -2.24 -0.09 -26.72
K K FA . -8.09 -6.21 -19.99
K K GA . -34.72 -27.22 -45.29
K K HA . 3.80 9.05 26.02
K K IA . -14.34 -23.47 -12.18
K K JA . -26.89 -8.51 -16.57
K K KA . -7.63 -7.29 -24.71
K K LA . 1.55 28.97 29.60
K K MA . -5.46 0.87 -30.54
K K NA . -8.72 14.87 -54.56
K K OA . -30.90 -39.20 -28.55
K K PA . -29.54 -0.11 -33.59
K K QA . -22.46 5.56 2.38
K K RA . -33.97 -12.76 -35.38
K K SA . -35.04 -22.73 -42.33
C10 EPE TA . -9.70 -8.68 1.31
S EPE TA . -8.32 -8.82 2.24
O1S EPE TA . -7.43 -9.74 1.56
O2S EPE TA . -8.61 -9.39 3.59
O3S EPE TA . -7.61 -7.52 2.29
N1 EPE UA . 9.90 20.01 14.58
C2 EPE UA . 9.64 18.98 15.62
C3 EPE UA . 10.26 19.32 16.98
N4 EPE UA . 10.21 20.76 17.17
C5 EPE UA . 9.31 21.54 16.35
C6 EPE UA . 9.91 21.43 14.96
C9 EPE UA . 10.08 19.58 13.16
C10 EPE UA . 9.46 20.58 12.14
S EPE UA . 8.91 19.85 10.71
O1S EPE UA . 9.62 18.56 10.68
O2S EPE UA . 7.44 19.63 10.84
O3S EPE UA . 9.20 20.53 9.41
S EPE VA . -19.74 -28.50 -20.05
O1S EPE VA . -19.43 -29.95 -19.94
O2S EPE VA . -19.50 -27.80 -18.75
O3S EPE VA . -21.12 -28.37 -20.62
S EPE WA . -8.02 -24.34 -9.36
O1S EPE WA . -6.69 -23.91 -9.80
O2S EPE WA . -8.92 -24.28 -10.54
O3S EPE WA . -8.39 -23.38 -8.29
C10 EPE XA . 3.96 -6.70 10.58
S EPE XA . 3.68 -5.57 9.39
O1S EPE XA . 3.14 -4.29 9.96
O2S EPE XA . 2.65 -6.23 8.56
O3S EPE XA . 4.93 -5.30 8.61
N1 SPM YA . 31.07 -7.43 9.26
C2 SPM YA . 29.77 -7.04 9.80
C3 SPM YA . 28.80 -8.23 9.97
C4 SPM YA . 27.40 -7.79 10.43
N5 SPM YA . 26.29 -8.68 10.07
C6 SPM YA . 24.97 -8.18 9.68
C7 SPM YA . 23.78 -8.32 10.67
C8 SPM YA . 23.42 -9.79 10.95
C9 SPM YA . 22.01 -9.98 11.50
N10 SPM YA . 21.93 -9.81 12.95
C11 SPM YA . 21.16 -10.73 13.78
C12 SPM YA . 21.92 -11.30 14.99
C13 SPM YA . 23.35 -11.69 14.60
N14 SPM YA . 23.94 -12.33 15.74
N1 SPM ZA . 1.12 14.21 29.54
C2 SPM ZA . -0.28 14.09 29.83
C3 SPM ZA . -0.61 15.30 30.71
C4 SPM ZA . -1.12 15.00 32.12
N5 SPM ZA . -0.13 15.09 33.20
C6 SPM ZA . 0.01 16.27 34.06
C7 SPM ZA . -0.94 16.34 35.28
C8 SPM ZA . -1.66 17.68 35.52
C9 SPM ZA . -1.19 18.34 36.81
N10 SPM ZA . -1.18 19.79 36.74
C11 SPM ZA . -0.59 20.60 37.79
C12 SPM ZA . 0.77 21.10 37.36
C13 SPM ZA . 1.01 22.51 37.87
N14 SPM ZA . 1.32 23.39 36.76
#